data_5MY4
#
_entry.id   5MY4
#
_cell.length_a   43.170
_cell.length_b   87.142
_cell.length_c   58.029
_cell.angle_alpha   90.000
_cell.angle_beta   96.060
_cell.angle_gamma   90.000
#
_symmetry.space_group_name_H-M   'P 1 21 1'
#
loop_
_entity.id
_entity.type
_entity.pdbx_description
1 polymer 'Fab c#17 light chain'
2 polymer 'Fab c#17 heavy chain'
3 polymer 'Pyroglutamate-Abeta pE3-12-PEGb'
4 water water
#
loop_
_entity_poly.entity_id
_entity_poly.type
_entity_poly.pdbx_seq_one_letter_code
_entity_poly.pdbx_strand_id
1 'polypeptide(L)'
;DVVMTQTPLSLPVSLGDQASISCRSSQSLVHSDGNTYLHWYLQKPGQSPKLLIYKVSNRFSGVPDRFSGSGSGTDFTLKI
SRVEAEDLGVYFCSQSTHVPPTFGGGTKLEIKRADAAPTVSIFPPSSEQLTSGGASVVCFLNNFYPKDINVKWKIDGSER
QNGVLNSWTDQDSKDSTYSMSSTLTLTKDEYERHNSYTCEATHKTSTSPIVKSFNRNEC
;
A
2 'polypeptide(L)'
;EVKLVESGGGLVQPGGSRKLSCAASGFTFSDYGMAWVRQAPGKGPEWVAFISNLAYSIYYADTVTGRFTISRENAKNTLY
LEMSSLRSEDTAMYYCARYDYDNILDYVMDYWGQGTSVTVSSAKTTPPSVYPLAPGCGDTTGSSVTLGCLVKGYFPESVT
VTWNSGSLSSSVHTFPALLQSGLYTMSSSVTVPSSTWPSQTVTCSVAHPASSTTVDKKLEPSGPISTINPC
;
B
3 'polypeptide(L)' (PCA)FRHDSGYEV C
#
# COMPACT_ATOMS: atom_id res chain seq x y z
N ASP A 1 13.92 0.37 21.01
CA ASP A 1 14.20 0.35 19.58
C ASP A 1 14.66 1.71 19.10
N VAL A 2 15.34 1.72 17.96
CA VAL A 2 15.77 2.96 17.34
C VAL A 2 14.70 3.38 16.36
N VAL A 3 14.21 4.62 16.49
CA VAL A 3 13.15 5.13 15.64
C VAL A 3 13.80 5.90 14.49
N MET A 4 13.53 5.46 13.27
CA MET A 4 14.01 6.10 12.03
C MET A 4 12.93 7.01 11.44
N THR A 5 13.23 8.31 11.35
CA THR A 5 12.25 9.32 10.94
C THR A 5 12.65 9.91 9.60
N GLN A 6 11.85 9.63 8.59
CA GLN A 6 12.06 10.08 7.22
C GLN A 6 11.16 11.26 6.91
N THR A 7 11.70 12.20 6.13
CA THR A 7 11.01 13.36 5.64
C THR A 7 11.57 13.62 4.25
N PRO A 8 10.73 13.99 3.28
CA PRO A 8 9.28 14.05 3.43
C PRO A 8 8.65 12.68 3.33
N LEU A 9 7.37 12.61 3.70
CA LEU A 9 6.61 11.39 3.51
C LEU A 9 6.37 11.13 2.03
N SER A 10 6.28 12.20 1.25
CA SER A 10 5.96 12.17 -0.16
C SER A 10 6.84 13.25 -0.81
N LEU A 11 7.43 12.94 -1.95
CA LEU A 11 8.39 13.86 -2.56
C LEU A 11 8.11 13.98 -4.05
N PRO A 12 7.42 15.05 -4.48
CA PRO A 12 7.28 15.28 -5.92
C PRO A 12 8.58 15.81 -6.52
N VAL A 13 8.94 15.28 -7.68
CA VAL A 13 10.13 15.74 -8.39
C VAL A 13 9.88 15.69 -9.90
N SER A 14 10.51 16.62 -10.61
CA SER A 14 10.55 16.57 -12.07
C SER A 14 11.64 15.61 -12.52
N LEU A 15 11.35 14.81 -13.53
CA LEU A 15 12.40 13.98 -14.08
C LEU A 15 13.56 14.86 -14.51
N GLY A 16 14.78 14.34 -14.37
CA GLY A 16 15.97 15.09 -14.64
C GLY A 16 16.42 16.02 -13.53
N ASP A 17 15.59 16.20 -12.50
CA ASP A 17 15.92 17.02 -11.36
C ASP A 17 16.62 16.20 -10.30
N GLN A 18 16.99 16.86 -9.22
CA GLN A 18 17.61 16.24 -8.08
C GLN A 18 16.56 16.05 -6.98
N ALA A 19 16.58 14.88 -6.36
CA ALA A 19 15.76 14.60 -5.20
C ALA A 19 16.65 14.39 -3.98
N SER A 20 16.16 14.81 -2.83
CA SER A 20 16.86 14.67 -1.57
C SER A 20 15.89 14.14 -0.52
N ILE A 21 16.32 13.10 0.18
CA ILE A 21 15.52 12.46 1.22
C ILE A 21 16.35 12.39 2.48
N SER A 22 15.75 12.72 3.61
CA SER A 22 16.51 12.74 4.85
C SER A 22 15.99 11.71 5.84
N CYS A 23 16.89 11.24 6.69
CA CYS A 23 16.57 10.24 7.68
C CYS A 23 17.25 10.64 8.99
N ARG A 24 16.52 10.46 10.09
CA ARG A 24 16.99 10.87 11.40
C ARG A 24 16.74 9.71 12.35
N SER A 25 17.77 9.27 13.06
CA SER A 25 17.65 8.18 14.00
C SER A 25 17.48 8.76 15.40
N SER A 26 16.84 8.00 16.26
CA SER A 26 16.64 8.47 17.62
C SER A 26 17.85 8.18 18.51
N GLN A 27 18.85 7.46 18.02
CA GLN A 27 20.11 7.29 18.72
C GLN A 27 21.23 7.28 17.71
N SER A 28 22.44 7.50 18.20
CA SER A 28 23.63 7.44 17.38
C SER A 28 23.72 6.09 16.68
N LEU A 29 24.10 6.12 15.41
CA LEU A 29 24.24 4.90 14.63
C LEU A 29 25.70 4.47 14.47
N VAL A 30 26.62 5.09 15.21
CA VAL A 30 28.01 4.66 15.27
C VAL A 30 28.09 3.42 16.17
N HIS A 31 28.41 2.28 15.57
CA HIS A 31 28.64 1.04 16.29
C HIS A 31 29.98 1.11 17.03
N SER A 32 30.13 0.25 18.05
CA SER A 32 31.40 0.21 18.78
C SER A 32 32.57 -0.19 17.88
N ASP A 33 32.32 -0.88 16.74
CA ASP A 33 33.38 -1.19 15.79
C ASP A 33 33.74 -0.01 14.90
N GLY A 34 33.07 1.13 15.04
CA GLY A 34 33.39 2.31 14.28
C GLY A 34 32.59 2.51 13.01
N ASN A 35 31.99 1.47 12.46
CA ASN A 35 31.13 1.69 11.31
C ASN A 35 29.85 2.42 11.72
N THR A 36 29.19 3.03 10.74
CA THR A 36 27.84 3.58 10.89
C THR A 36 26.92 2.77 9.99
N TYR A 37 26.11 1.91 10.59
CA TYR A 37 25.31 0.92 9.84
C TYR A 37 23.93 1.51 9.51
N LEU A 38 23.96 2.45 8.58
CA LEU A 38 22.78 3.14 8.06
C LEU A 38 22.68 2.84 6.57
N HIS A 39 21.52 2.34 6.15
CA HIS A 39 21.34 1.88 4.78
C HIS A 39 20.08 2.46 4.17
N TRP A 40 20.05 2.54 2.83
CA TRP A 40 18.86 2.97 2.10
C TRP A 40 18.40 1.86 1.16
N TYR A 41 17.08 1.69 1.08
CA TYR A 41 16.44 0.71 0.21
C TYR A 41 15.48 1.40 -0.74
N LEU A 42 15.27 0.79 -1.90
CA LEU A 42 14.25 1.27 -2.82
C LEU A 42 13.25 0.14 -3.09
N GLN A 43 11.97 0.42 -2.93
CA GLN A 43 10.93 -0.57 -3.20
C GLN A 43 10.03 -0.08 -4.32
N LYS A 44 9.92 -0.86 -5.39
CA LYS A 44 9.00 -0.55 -6.47
C LYS A 44 7.70 -1.31 -6.30
N PRO A 45 6.63 -0.87 -6.96
CA PRO A 45 5.33 -1.54 -6.82
C PRO A 45 5.41 -3.04 -7.09
N GLY A 46 4.86 -3.82 -6.17
CA GLY A 46 4.79 -5.25 -6.31
C GLY A 46 6.11 -5.99 -6.21
N GLN A 47 7.16 -5.33 -5.72
CA GLN A 47 8.45 -5.96 -5.54
C GLN A 47 8.97 -5.74 -4.13
N SER A 48 9.95 -6.57 -3.75
CA SER A 48 10.58 -6.41 -2.45
C SER A 48 11.54 -5.22 -2.49
N PRO A 49 11.95 -4.73 -1.31
CA PRO A 49 12.96 -3.68 -1.29
C PRO A 49 14.28 -4.19 -1.86
N LYS A 50 14.99 -3.29 -2.55
CA LYS A 50 16.34 -3.52 -3.05
C LYS A 50 17.30 -2.56 -2.36
N LEU A 51 18.43 -3.07 -1.89
CA LEU A 51 19.42 -2.23 -1.24
C LEU A 51 20.09 -1.28 -2.24
N LEU A 52 20.12 0.00 -1.91
CA LEU A 52 20.81 0.99 -2.73
C LEU A 52 22.16 1.41 -2.17
N ILE A 53 22.16 1.81 -0.90
CA ILE A 53 23.33 2.34 -0.22
C ILE A 53 23.43 1.62 1.11
N TYR A 54 24.64 1.19 1.47
CA TYR A 54 24.90 0.61 2.77
C TYR A 54 26.04 1.35 3.45
N LYS A 55 26.02 1.34 4.77
CA LYS A 55 26.98 2.06 5.60
C LYS A 55 27.17 3.50 5.09
N VAL A 56 26.05 4.23 5.10
CA VAL A 56 25.94 5.66 4.81
C VAL A 56 26.14 5.98 3.34
N SER A 57 27.23 5.49 2.71
CA SER A 57 27.58 6.01 1.39
C SER A 57 28.09 4.99 0.38
N ASN A 58 28.03 3.70 0.67
CA ASN A 58 28.49 2.69 -0.29
C ASN A 58 27.34 2.26 -1.21
N ARG A 59 27.51 2.45 -2.52
CA ARG A 59 26.55 1.97 -3.50
C ARG A 59 26.63 0.45 -3.65
N PHE A 60 25.49 -0.22 -3.51
CA PHE A 60 25.41 -1.65 -3.72
C PHE A 60 25.63 -1.98 -5.21
N SER A 61 26.02 -3.24 -5.45
CA SER A 61 26.30 -3.72 -6.80
C SER A 61 25.16 -3.41 -7.78
N GLY A 62 25.53 -2.74 -8.87
CA GLY A 62 24.60 -2.38 -9.92
C GLY A 62 23.78 -1.14 -9.67
N VAL A 63 24.03 -0.43 -8.58
CA VAL A 63 23.30 0.82 -8.31
C VAL A 63 23.99 1.94 -9.08
N PRO A 64 23.25 2.68 -9.91
CA PRO A 64 23.88 3.69 -10.75
C PRO A 64 24.43 4.87 -9.95
N ASP A 65 25.34 5.60 -10.61
CA ASP A 65 26.14 6.67 -10.03
C ASP A 65 25.31 7.79 -9.44
N ARG A 66 24.07 7.95 -9.90
CA ARG A 66 23.30 9.11 -9.49
C ARG A 66 22.75 8.99 -8.06
N PHE A 67 22.93 7.84 -7.41
CA PHE A 67 22.55 7.68 -6.01
C PHE A 67 23.74 7.93 -5.09
N SER A 68 23.58 8.85 -4.14
CA SER A 68 24.65 9.28 -3.26
C SER A 68 24.08 9.43 -1.86
N GLY A 69 24.82 8.92 -0.89
CA GLY A 69 24.43 9.05 0.51
C GLY A 69 25.54 9.67 1.34
N SER A 70 25.12 10.40 2.37
CA SER A 70 26.04 11.07 3.28
C SER A 70 25.35 11.22 4.63
N GLY A 71 26.07 11.82 5.58
CA GLY A 71 25.53 12.11 6.90
C GLY A 71 26.38 11.51 7.99
N SER A 72 25.98 11.80 9.23
CA SER A 72 26.75 11.32 10.38
C SER A 72 25.92 11.47 11.64
N GLY A 73 26.28 10.63 12.63
CA GLY A 73 25.65 10.64 13.93
C GLY A 73 24.22 10.16 13.87
N THR A 74 23.28 11.10 13.71
CA THR A 74 21.87 10.79 13.67
C THR A 74 21.15 11.37 12.46
N ASP A 75 21.85 12.07 11.58
CA ASP A 75 21.20 12.80 10.50
C ASP A 75 21.79 12.35 9.17
N PHE A 76 20.94 11.86 8.27
CA PHE A 76 21.40 11.20 7.06
C PHE A 76 20.59 11.68 5.86
N THR A 77 21.26 11.70 4.72
CA THR A 77 20.67 12.16 3.48
C THR A 77 21.04 11.22 2.34
N LEU A 78 20.04 10.92 1.50
CA LEU A 78 20.22 10.22 0.24
C LEU A 78 19.93 11.18 -0.89
N LYS A 79 20.86 11.31 -1.84
CA LYS A 79 20.64 12.14 -3.01
C LYS A 79 20.51 11.28 -4.26
N ILE A 80 19.48 11.56 -5.06
CA ILE A 80 19.35 11.08 -6.44
C ILE A 80 19.57 12.27 -7.37
N SER A 81 20.70 12.27 -8.09
CA SER A 81 21.15 13.50 -8.72
C SER A 81 20.37 13.88 -9.97
N ARG A 82 19.76 12.91 -10.67
CA ARG A 82 19.04 13.24 -11.91
C ARG A 82 17.94 12.20 -12.10
N VAL A 83 16.82 12.43 -11.40
CA VAL A 83 15.81 11.39 -11.25
C VAL A 83 15.35 10.91 -12.60
N GLU A 84 15.28 9.58 -12.74
CA GLU A 84 14.73 8.92 -13.91
C GLU A 84 13.48 8.14 -13.54
N ALA A 85 12.69 7.78 -14.56
CA ALA A 85 11.40 7.16 -14.29
C ALA A 85 11.55 5.85 -13.51
N GLU A 86 12.66 5.13 -13.71
CA GLU A 86 12.88 3.88 -12.97
C GLU A 86 13.13 4.13 -11.48
N ASP A 87 13.46 5.35 -11.08
CA ASP A 87 13.72 5.64 -9.66
C ASP A 87 12.45 5.92 -8.87
N LEU A 88 11.30 6.06 -9.52
CA LEU A 88 10.07 6.27 -8.77
C LEU A 88 9.75 5.03 -7.95
N GLY A 89 9.31 5.26 -6.73
CA GLY A 89 9.04 4.16 -5.82
C GLY A 89 9.16 4.67 -4.41
N VAL A 90 9.21 3.73 -3.46
CA VAL A 90 9.30 4.07 -2.04
C VAL A 90 10.71 3.75 -1.56
N TYR A 91 11.37 4.75 -1.01
CA TYR A 91 12.68 4.64 -0.39
C TYR A 91 12.51 4.48 1.11
N PHE A 92 13.30 3.59 1.70
CA PHE A 92 13.37 3.45 3.15
C PHE A 92 14.83 3.56 3.57
N CYS A 93 15.07 4.24 4.69
CA CYS A 93 16.32 4.09 5.41
C CYS A 93 16.16 3.00 6.46
N SER A 94 17.30 2.44 6.88
CA SER A 94 17.30 1.37 7.86
C SER A 94 18.60 1.46 8.65
N GLN A 95 18.56 1.02 9.91
CA GLN A 95 19.75 0.98 10.74
C GLN A 95 19.99 -0.45 11.19
N SER A 96 21.27 -0.81 11.29
CA SER A 96 21.61 -2.14 11.78
C SER A 96 22.68 -2.06 12.86
N THR A 97 22.83 -0.90 13.50
CA THR A 97 23.79 -0.77 14.59
C THR A 97 23.27 -1.44 15.87
N HIS A 98 21.97 -1.35 16.14
CA HIS A 98 21.41 -1.90 17.36
C HIS A 98 20.39 -2.98 17.04
N VAL A 99 20.30 -3.96 17.93
CA VAL A 99 19.20 -4.92 17.90
C VAL A 99 17.98 -4.31 18.58
N PRO A 100 16.80 -4.29 17.95
CA PRO A 100 16.54 -4.82 16.61
C PRO A 100 16.80 -3.83 15.47
N PRO A 101 17.15 -4.35 14.30
CA PRO A 101 17.24 -3.48 13.12
C PRO A 101 15.86 -2.93 12.79
N THR A 102 15.82 -1.65 12.44
CA THR A 102 14.55 -0.95 12.25
C THR A 102 14.56 -0.17 10.93
N PHE A 103 13.39 0.22 10.48
CA PHE A 103 13.22 0.84 9.18
C PHE A 103 12.44 2.15 9.34
N GLY A 104 12.74 3.11 8.47
CA GLY A 104 11.92 4.30 8.39
C GLY A 104 10.53 4.00 7.84
N GLY A 105 9.67 5.02 7.89
CA GLY A 105 8.31 4.87 7.40
C GLY A 105 8.18 4.94 5.90
N GLY A 106 9.22 5.42 5.21
CA GLY A 106 9.20 5.45 3.76
C GLY A 106 9.05 6.87 3.23
N THR A 107 9.48 7.04 2.00
CA THR A 107 9.34 8.29 1.27
C THR A 107 8.96 7.86 -0.12
N LYS A 108 7.79 8.29 -0.60
CA LYS A 108 7.35 7.96 -1.94
C LYS A 108 7.87 9.03 -2.89
N LEU A 109 8.66 8.61 -3.87
CA LEU A 109 9.14 9.50 -4.92
C LEU A 109 8.10 9.55 -6.03
N GLU A 110 7.63 10.73 -6.39
CA GLU A 110 6.51 10.85 -7.30
C GLU A 110 6.77 11.97 -8.28
N ILE A 111 5.93 12.03 -9.31
CA ILE A 111 6.11 12.90 -10.46
C ILE A 111 5.42 14.24 -10.24
N LYS A 112 6.08 15.31 -10.71
CA LYS A 112 5.57 16.67 -10.68
C LYS A 112 4.88 17.00 -12.01
N ARG A 113 3.78 17.73 -11.94
CA ARG A 113 3.08 18.21 -13.12
C ARG A 113 2.37 19.50 -12.75
N ALA A 114 1.78 20.16 -13.75
CA ALA A 114 1.03 21.38 -13.49
C ALA A 114 -0.19 21.10 -12.63
N ASP A 115 -0.65 22.13 -11.91
CA ASP A 115 -1.83 21.96 -11.07
C ASP A 115 -3.04 21.61 -11.91
N ALA A 116 -4.00 20.93 -11.27
CA ALA A 116 -5.22 20.48 -11.92
C ALA A 116 -6.28 20.34 -10.84
N ALA A 117 -7.39 21.07 -10.99
CA ALA A 117 -8.46 21.02 -9.99
C ALA A 117 -9.27 19.74 -10.15
N PRO A 118 -9.75 19.15 -9.05
CA PRO A 118 -10.50 17.90 -9.16
C PRO A 118 -11.84 18.10 -9.84
N THR A 119 -12.31 17.02 -10.47
CA THR A 119 -13.68 16.89 -10.93
C THR A 119 -14.44 16.11 -9.87
N VAL A 120 -15.50 16.71 -9.32
CA VAL A 120 -16.19 16.15 -8.16
C VAL A 120 -17.61 15.78 -8.55
N SER A 121 -18.01 14.54 -8.20
CA SER A 121 -19.31 13.97 -8.54
C SER A 121 -19.85 13.28 -7.31
N ILE A 122 -21.10 13.57 -6.94
CA ILE A 122 -21.68 12.97 -5.75
C ILE A 122 -22.83 12.07 -6.18
N PHE A 123 -23.02 10.98 -5.44
CA PHE A 123 -23.98 9.95 -5.80
C PHE A 123 -24.75 9.49 -4.58
N PRO A 124 -26.08 9.46 -4.65
CA PRO A 124 -26.89 8.97 -3.52
C PRO A 124 -26.84 7.46 -3.43
N PRO A 125 -27.27 6.88 -2.31
CA PRO A 125 -27.40 5.41 -2.26
C PRO A 125 -28.41 4.93 -3.29
N SER A 126 -28.21 3.70 -3.76
CA SER A 126 -29.15 3.04 -4.64
C SER A 126 -30.35 2.52 -3.86
N SER A 127 -31.46 2.33 -4.57
CA SER A 127 -32.61 1.68 -3.94
C SER A 127 -32.26 0.27 -3.48
N GLU A 128 -31.41 -0.41 -4.26
CA GLU A 128 -31.00 -1.77 -3.93
C GLU A 128 -30.27 -1.82 -2.59
N GLN A 129 -29.36 -0.87 -2.35
CA GLN A 129 -28.68 -0.87 -1.06
C GLN A 129 -29.63 -0.51 0.08
N LEU A 130 -30.53 0.46 -0.16
CA LEU A 130 -31.50 0.78 0.89
C LEU A 130 -32.36 -0.44 1.22
N THR A 131 -32.83 -1.17 0.21
CA THR A 131 -33.46 -2.46 0.46
C THR A 131 -32.62 -3.36 1.38
N SER A 132 -31.29 -3.36 1.19
CA SER A 132 -30.43 -4.18 2.03
C SER A 132 -30.23 -3.58 3.41
N GLY A 133 -30.67 -2.35 3.63
CA GLY A 133 -30.62 -1.75 4.94
C GLY A 133 -29.43 -0.85 5.16
N GLY A 134 -28.70 -0.51 4.11
CA GLY A 134 -27.60 0.41 4.24
C GLY A 134 -27.68 1.51 3.19
N ALA A 135 -26.90 2.55 3.42
CA ALA A 135 -26.99 3.74 2.57
C ALA A 135 -25.60 4.33 2.46
N SER A 136 -24.97 4.16 1.29
CA SER A 136 -23.66 4.71 1.05
C SER A 136 -23.79 5.92 0.17
N VAL A 137 -23.17 7.02 0.58
CA VAL A 137 -23.09 8.20 -0.25
C VAL A 137 -21.68 8.26 -0.79
N VAL A 138 -21.54 8.32 -2.11
CA VAL A 138 -20.24 8.23 -2.76
C VAL A 138 -19.92 9.57 -3.40
N CYS A 139 -18.64 9.95 -3.31
CA CYS A 139 -18.14 11.14 -3.98
C CYS A 139 -16.82 10.80 -4.66
N PHE A 140 -16.75 11.04 -5.96
CA PHE A 140 -15.51 10.90 -6.71
C PHE A 140 -14.86 12.27 -6.89
N LEU A 141 -13.55 12.31 -6.69
CA LEU A 141 -12.71 13.49 -6.90
C LEU A 141 -11.58 13.01 -7.80
N ASN A 142 -11.68 13.34 -9.09
CA ASN A 142 -10.88 12.68 -10.11
C ASN A 142 -9.95 13.67 -10.79
N ASN A 143 -8.76 13.16 -11.15
CA ASN A 143 -7.83 13.85 -12.05
C ASN A 143 -7.36 15.19 -11.50
N PHE A 144 -6.89 15.20 -10.24
CA PHE A 144 -6.36 16.43 -9.66
C PHE A 144 -4.86 16.32 -9.43
N TYR A 145 -4.23 17.49 -9.24
CA TYR A 145 -2.84 17.61 -8.85
C TYR A 145 -2.61 18.94 -8.15
N PRO A 146 -1.85 19.00 -7.03
CA PRO A 146 -1.15 17.91 -6.32
C PRO A 146 -2.07 16.94 -5.57
N LYS A 147 -1.44 15.94 -4.95
CA LYS A 147 -2.15 14.86 -4.28
C LYS A 147 -2.86 15.34 -3.01
N ASP A 148 -2.39 16.42 -2.40
CA ASP A 148 -2.99 16.93 -1.17
C ASP A 148 -4.41 17.43 -1.42
N ILE A 149 -5.36 16.88 -0.68
CA ILE A 149 -6.75 17.32 -0.80
C ILE A 149 -7.49 16.91 0.45
N ASN A 150 -8.42 17.76 0.88
CA ASN A 150 -9.19 17.51 2.08
C ASN A 150 -10.66 17.43 1.71
N VAL A 151 -11.30 16.33 2.06
CA VAL A 151 -12.71 16.12 1.80
C VAL A 151 -13.47 16.16 3.11
N LYS A 152 -14.53 16.95 3.15
CA LYS A 152 -15.44 17.01 4.29
C LYS A 152 -16.82 16.60 3.83
N TRP A 153 -17.46 15.78 4.64
CA TRP A 153 -18.86 15.44 4.48
C TRP A 153 -19.68 16.31 5.40
N LYS A 154 -20.75 16.86 4.88
CA LYS A 154 -21.71 17.60 5.69
C LYS A 154 -23.08 16.97 5.51
N ILE A 155 -23.71 16.67 6.62
CA ILE A 155 -25.08 16.18 6.66
C ILE A 155 -25.92 17.26 7.30
N ASP A 156 -26.86 17.83 6.54
CA ASP A 156 -27.68 18.94 7.00
C ASP A 156 -26.83 20.12 7.48
N GLY A 157 -25.73 20.41 6.76
CA GLY A 157 -24.84 21.50 7.14
C GLY A 157 -23.84 21.18 8.23
N SER A 158 -23.94 20.03 8.89
CA SER A 158 -23.04 19.66 9.97
C SER A 158 -22.07 18.56 9.53
N GLU A 159 -20.80 18.70 9.93
CA GLU A 159 -19.75 17.78 9.53
C GLU A 159 -19.94 16.40 10.17
N ARG A 160 -19.55 15.37 9.44
CA ARG A 160 -19.56 14.00 9.95
C ARG A 160 -18.31 13.27 9.49
N GLN A 161 -17.76 12.46 10.37
CA GLN A 161 -16.56 11.70 10.07
C GLN A 161 -16.74 10.19 10.27
N ASN A 162 -17.68 9.78 11.11
CA ASN A 162 -17.97 8.36 11.30
C ASN A 162 -18.64 7.79 10.06
N GLY A 163 -18.11 6.67 9.56
CA GLY A 163 -18.62 6.02 8.38
C GLY A 163 -17.97 6.45 7.07
N VAL A 164 -16.97 7.36 7.10
CA VAL A 164 -16.30 7.84 5.88
C VAL A 164 -15.07 6.97 5.62
N LEU A 165 -14.98 6.42 4.42
CA LEU A 165 -13.80 5.69 3.96
C LEU A 165 -13.27 6.35 2.70
N ASN A 166 -11.98 6.68 2.72
CA ASN A 166 -11.34 7.40 1.63
C ASN A 166 -10.35 6.50 0.93
N SER A 167 -10.36 6.52 -0.40
CA SER A 167 -9.44 5.69 -1.17
C SER A 167 -8.79 6.49 -2.29
N TRP A 168 -7.46 6.37 -2.41
CA TRP A 168 -6.66 7.09 -3.40
C TRP A 168 -6.07 6.11 -4.41
N THR A 169 -6.18 6.44 -5.70
CA THR A 169 -5.44 5.73 -6.72
C THR A 169 -3.97 6.14 -6.67
N ASP A 170 -3.11 5.34 -7.31
CA ASP A 170 -1.74 5.78 -7.49
C ASP A 170 -1.69 6.86 -8.56
N GLN A 171 -0.54 7.52 -8.64
CA GLN A 171 -0.34 8.52 -9.66
C GLN A 171 -0.59 7.92 -11.04
N ASP A 172 -1.44 8.58 -11.81
CA ASP A 172 -1.78 8.07 -13.13
C ASP A 172 -0.54 8.10 -14.04
N SER A 173 -0.33 7.00 -14.77
CA SER A 173 0.83 6.84 -15.65
C SER A 173 0.78 7.65 -16.93
N LYS A 174 -0.35 8.28 -17.26
CA LYS A 174 -0.48 9.02 -18.50
C LYS A 174 -0.60 10.53 -18.32
N ASP A 175 -1.23 11.00 -17.24
CA ASP A 175 -1.38 12.44 -17.01
C ASP A 175 -0.83 12.87 -15.65
N SER A 176 -0.28 11.95 -14.89
CA SER A 176 0.37 12.21 -13.61
C SER A 176 -0.56 12.84 -12.58
N THR A 177 -1.87 12.69 -12.74
CA THR A 177 -2.84 13.21 -11.78
C THR A 177 -3.18 12.14 -10.74
N TYR A 178 -3.95 12.53 -9.73
CA TYR A 178 -4.44 11.61 -8.73
C TYR A 178 -5.95 11.60 -8.77
N SER A 179 -6.54 10.53 -8.24
CA SER A 179 -7.98 10.45 -8.11
C SER A 179 -8.29 9.88 -6.74
N MET A 180 -9.52 10.10 -6.30
CA MET A 180 -9.89 9.70 -4.95
C MET A 180 -11.37 9.39 -4.88
N SER A 181 -11.71 8.43 -4.05
CA SER A 181 -13.08 8.05 -3.78
C SER A 181 -13.35 8.26 -2.30
N SER A 182 -14.44 8.96 -1.99
CA SER A 182 -14.87 9.19 -0.62
C SER A 182 -16.27 8.64 -0.46
N THR A 183 -16.42 7.69 0.46
CA THR A 183 -17.67 6.96 0.65
C THR A 183 -18.14 7.16 2.08
N LEU A 184 -19.35 7.69 2.23
CA LEU A 184 -19.96 7.85 3.54
C LEU A 184 -21.04 6.77 3.69
N THR A 185 -20.85 5.87 4.66
CA THR A 185 -21.74 4.73 4.78
C THR A 185 -22.58 4.84 6.05
N LEU A 186 -23.90 4.94 5.87
CA LEU A 186 -24.85 4.98 6.97
C LEU A 186 -25.74 3.74 6.92
N THR A 187 -26.45 3.49 8.02
CA THR A 187 -27.59 2.61 7.95
C THR A 187 -28.72 3.33 7.21
N LYS A 188 -29.71 2.55 6.74
CA LYS A 188 -30.90 3.17 6.15
C LYS A 188 -31.57 4.10 7.15
N ASP A 189 -31.57 3.74 8.43
CA ASP A 189 -32.28 4.53 9.42
C ASP A 189 -31.61 5.88 9.62
N GLU A 190 -30.27 5.89 9.71
CA GLU A 190 -29.56 7.16 9.85
C GLU A 190 -29.70 8.01 8.59
N TYR A 191 -29.55 7.39 7.42
CA TYR A 191 -29.80 8.09 6.15
C TYR A 191 -31.15 8.80 6.15
N GLU A 192 -32.18 8.18 6.73
CA GLU A 192 -33.56 8.70 6.71
C GLU A 192 -33.84 9.75 7.80
N ARG A 193 -32.86 10.06 8.64
CA ARG A 193 -32.99 11.12 9.63
C ARG A 193 -32.55 12.48 9.09
N HIS A 194 -32.05 12.53 7.86
CA HIS A 194 -31.41 13.73 7.36
C HIS A 194 -31.69 13.85 5.88
N ASN A 195 -31.55 15.07 5.38
CA ASN A 195 -32.00 15.38 4.03
C ASN A 195 -30.95 15.95 3.11
N SER A 196 -30.03 16.74 3.63
CA SER A 196 -29.01 17.43 2.83
C SER A 196 -27.72 16.64 2.95
N TYR A 197 -27.13 16.25 1.82
CA TYR A 197 -25.88 15.48 1.80
C TYR A 197 -24.88 16.19 0.92
N THR A 198 -23.73 16.52 1.48
CA THR A 198 -22.77 17.38 0.81
C THR A 198 -21.38 16.77 0.82
N CYS A 199 -20.76 16.74 -0.38
CA CYS A 199 -19.34 16.46 -0.56
C CYS A 199 -18.60 17.79 -0.75
N GLU A 200 -17.58 18.05 0.06
CA GLU A 200 -16.90 19.33 0.06
C GLU A 200 -15.39 19.12 -0.02
N ALA A 201 -14.73 19.76 -0.99
CA ALA A 201 -13.33 19.48 -1.27
C ALA A 201 -12.54 20.78 -1.31
N THR A 202 -11.45 20.84 -0.55
CA THR A 202 -10.54 21.95 -0.67
C THR A 202 -9.24 21.41 -1.25
N HIS A 203 -8.77 22.09 -2.28
CA HIS A 203 -7.57 21.76 -3.02
C HIS A 203 -6.86 23.08 -3.27
N LYS A 204 -5.53 23.04 -3.40
CA LYS A 204 -4.80 24.30 -3.52
C LYS A 204 -5.19 25.09 -4.77
N THR A 205 -5.78 24.44 -5.78
CA THR A 205 -6.20 25.13 -6.98
C THR A 205 -7.32 26.17 -6.75
N SER A 206 -7.91 26.25 -5.55
CA SER A 206 -8.83 27.34 -5.27
C SER A 206 -8.94 27.59 -3.77
N THR A 207 -9.16 28.86 -3.43
CA THR A 207 -9.52 29.24 -2.07
C THR A 207 -10.92 28.78 -1.72
N SER A 208 -11.78 28.66 -2.70
CA SER A 208 -13.16 28.27 -2.48
C SER A 208 -13.26 26.75 -2.51
N PRO A 209 -13.93 26.13 -1.54
CA PRO A 209 -14.16 24.69 -1.62
C PRO A 209 -15.03 24.35 -2.82
N ILE A 210 -14.82 23.17 -3.39
CA ILE A 210 -15.76 22.64 -4.37
C ILE A 210 -16.85 21.95 -3.59
N VAL A 211 -18.10 22.40 -3.75
CA VAL A 211 -19.24 21.85 -3.02
C VAL A 211 -20.10 21.04 -3.97
N LYS A 212 -20.45 19.82 -3.58
CA LYS A 212 -21.39 18.97 -4.31
C LYS A 212 -22.42 18.43 -3.33
N SER A 213 -23.71 18.53 -3.70
CA SER A 213 -24.80 18.23 -2.78
C SER A 213 -25.97 17.58 -3.52
N PHE A 214 -26.74 16.78 -2.78
CA PHE A 214 -28.08 16.41 -3.21
C PHE A 214 -28.96 16.41 -1.97
N ASN A 215 -30.27 16.53 -2.18
CA ASN A 215 -31.24 16.43 -1.10
C ASN A 215 -31.99 15.12 -1.25
N ARG A 216 -32.09 14.36 -0.15
CA ARG A 216 -32.59 12.99 -0.22
C ARG A 216 -34.03 12.94 -0.73
N ASN A 217 -34.85 13.92 -0.36
CA ASN A 217 -36.23 13.96 -0.80
C ASN A 217 -36.35 14.58 -2.19
N GLU A 218 -35.25 14.64 -2.95
CA GLU A 218 -35.30 15.00 -4.37
C GLU A 218 -34.52 14.01 -5.23
N GLU B 1 24.01 -15.55 -9.68
CA GLU B 1 23.55 -14.43 -8.85
C GLU B 1 22.81 -14.99 -7.65
N VAL B 2 22.79 -14.20 -6.56
CA VAL B 2 22.06 -14.59 -5.36
C VAL B 2 20.56 -14.66 -5.64
N LYS B 3 19.93 -15.75 -5.20
CA LYS B 3 18.50 -15.97 -5.35
C LYS B 3 17.89 -16.46 -4.04
N LEU B 4 16.75 -15.88 -3.66
CA LEU B 4 15.97 -16.36 -2.54
C LEU B 4 14.51 -16.46 -2.97
N VAL B 5 13.87 -17.59 -2.64
CA VAL B 5 12.49 -17.87 -3.04
C VAL B 5 11.73 -18.45 -1.85
N GLU B 6 10.79 -17.70 -1.31
CA GLU B 6 10.04 -18.17 -0.16
C GLU B 6 8.71 -18.79 -0.59
N SER B 7 8.17 -19.63 0.30
CA SER B 7 6.88 -20.27 0.05
C SER B 7 6.28 -20.64 1.39
N GLY B 8 5.02 -21.07 1.35
CA GLY B 8 4.28 -21.42 2.54
C GLY B 8 3.27 -20.40 3.00
N GLY B 9 3.13 -19.29 2.31
CA GLY B 9 2.10 -18.35 2.64
C GLY B 9 0.72 -18.95 2.40
N GLY B 10 -0.29 -18.19 2.77
CA GLY B 10 -1.67 -18.58 2.56
C GLY B 10 -2.60 -17.86 3.51
N LEU B 11 -3.88 -18.20 3.43
CA LEU B 11 -4.89 -17.63 4.31
C LEU B 11 -5.19 -18.62 5.43
N VAL B 12 -5.14 -18.14 6.67
CA VAL B 12 -5.42 -18.98 7.82
C VAL B 12 -6.32 -18.24 8.79
N GLN B 13 -7.03 -19.02 9.60
CA GLN B 13 -7.88 -18.47 10.63
C GLN B 13 -7.01 -17.92 11.75
N PRO B 14 -7.52 -16.94 12.50
CA PRO B 14 -6.80 -16.52 13.71
C PRO B 14 -6.57 -17.74 14.62
N GLY B 15 -5.37 -17.81 15.17
CA GLY B 15 -4.95 -18.96 15.92
C GLY B 15 -4.43 -20.12 15.09
N GLY B 16 -4.45 -20.01 13.78
CA GLY B 16 -3.88 -21.04 12.94
C GLY B 16 -2.37 -20.91 12.85
N SER B 17 -1.80 -21.67 11.92
CA SER B 17 -0.36 -21.77 11.83
C SER B 17 0.11 -21.82 10.39
N ARG B 18 1.42 -21.74 10.23
CA ARG B 18 2.11 -21.65 8.95
C ARG B 18 3.53 -22.11 9.19
N LYS B 19 4.14 -22.68 8.16
CA LYS B 19 5.56 -22.94 8.15
C LYS B 19 6.11 -22.46 6.81
N LEU B 20 6.79 -21.31 6.84
CA LEU B 20 7.33 -20.74 5.62
C LEU B 20 8.72 -21.32 5.37
N SER B 21 9.04 -21.48 4.09
CA SER B 21 10.36 -21.91 3.68
C SER B 21 10.91 -20.85 2.75
N CYS B 22 12.24 -20.84 2.64
CA CYS B 22 12.98 -19.96 1.75
C CYS B 22 14.15 -20.76 1.18
N ALA B 23 14.13 -20.96 -0.12
CA ALA B 23 15.17 -21.70 -0.82
C ALA B 23 16.17 -20.70 -1.35
N ALA B 24 17.45 -20.99 -1.13
CA ALA B 24 18.56 -20.08 -1.40
C ALA B 24 19.48 -20.70 -2.43
N SER B 25 20.03 -19.87 -3.31
CA SER B 25 21.00 -20.33 -4.29
C SER B 25 21.89 -19.18 -4.74
N GLY B 26 23.05 -19.54 -5.30
CA GLY B 26 23.99 -18.59 -5.82
C GLY B 26 24.97 -18.03 -4.81
N PHE B 27 25.02 -18.61 -3.63
CA PHE B 27 26.02 -18.25 -2.63
C PHE B 27 26.16 -19.45 -1.72
N THR B 28 27.28 -19.53 -1.02
CA THR B 28 27.47 -20.58 -0.02
C THR B 28 26.58 -20.27 1.17
N PHE B 29 25.43 -20.96 1.21
CA PHE B 29 24.37 -20.66 2.19
C PHE B 29 24.88 -20.69 3.62
N SER B 30 25.71 -21.67 3.96
CA SER B 30 26.16 -21.81 5.34
C SER B 30 27.16 -20.74 5.77
N ASP B 31 27.56 -19.83 4.87
CA ASP B 31 28.43 -18.73 5.25
C ASP B 31 27.69 -17.49 5.73
N TYR B 32 26.35 -17.45 5.66
CA TYR B 32 25.60 -16.21 5.84
C TYR B 32 24.44 -16.35 6.81
N GLY B 33 24.36 -15.43 7.77
CA GLY B 33 23.14 -15.27 8.52
C GLY B 33 21.97 -14.91 7.62
N MET B 34 20.76 -15.21 8.10
CA MET B 34 19.56 -15.02 7.31
C MET B 34 18.48 -14.43 8.20
N ALA B 35 17.52 -13.73 7.59
CA ALA B 35 16.47 -13.11 8.37
C ALA B 35 15.09 -13.28 7.70
N TRP B 36 14.05 -13.08 8.51
CA TRP B 36 12.70 -12.90 7.99
C TRP B 36 12.26 -11.47 8.27
N VAL B 37 11.68 -10.85 7.26
CA VAL B 37 11.18 -9.48 7.32
C VAL B 37 9.77 -9.52 6.74
N ARG B 38 8.82 -8.87 7.40
CA ARG B 38 7.44 -8.81 6.98
C ARG B 38 7.05 -7.38 6.68
N GLN B 39 5.96 -7.20 5.92
CA GLN B 39 5.51 -5.86 5.52
C GLN B 39 4.01 -5.89 5.27
N ALA B 40 3.26 -5.17 6.08
CA ALA B 40 1.83 -5.04 5.88
C ALA B 40 1.54 -4.03 4.77
N PRO B 41 0.31 -4.01 4.25
CA PRO B 41 -0.04 -3.02 3.22
C PRO B 41 0.19 -1.58 3.70
N GLY B 42 0.87 -0.79 2.85
CA GLY B 42 1.15 0.60 3.13
C GLY B 42 2.28 0.86 4.09
N LYS B 43 2.78 -0.15 4.79
CA LYS B 43 3.77 0.04 5.85
C LYS B 43 5.20 -0.18 5.35
N GLY B 44 6.15 0.32 6.11
CA GLY B 44 7.54 -0.03 5.90
C GLY B 44 7.78 -1.48 6.27
N PRO B 45 8.98 -1.98 6.01
CA PRO B 45 9.30 -3.34 6.45
C PRO B 45 9.54 -3.36 7.95
N GLU B 46 9.38 -4.54 8.52
CA GLU B 46 9.54 -4.78 9.95
C GLU B 46 10.30 -6.09 10.10
N TRP B 47 11.45 -6.05 10.75
CA TRP B 47 12.25 -7.25 10.94
C TRP B 47 11.51 -8.20 11.87
N VAL B 48 11.57 -9.50 11.56
CA VAL B 48 10.84 -10.50 12.31
C VAL B 48 11.77 -11.39 13.13
N ALA B 49 12.80 -11.96 12.51
CA ALA B 49 13.66 -12.93 13.17
C ALA B 49 14.99 -13.05 12.41
N PHE B 50 16.01 -13.57 13.11
CA PHE B 50 17.34 -13.74 12.53
C PHE B 50 17.98 -15.02 13.04
N ILE B 51 18.73 -15.70 12.17
CA ILE B 51 19.46 -16.89 12.58
C ILE B 51 20.87 -16.84 12.00
N SER B 52 21.88 -17.01 12.85
CA SER B 52 23.26 -16.96 12.39
C SER B 52 23.55 -18.10 11.42
N ASN B 53 24.72 -18.02 10.77
CA ASN B 53 24.99 -18.90 9.65
C ASN B 53 25.15 -20.37 10.08
N LEU B 54 25.58 -20.61 11.31
CA LEU B 54 25.67 -21.97 11.82
C LEU B 54 24.66 -22.21 12.93
N ALA B 55 23.78 -21.23 13.16
CA ALA B 55 22.60 -21.31 14.02
C ALA B 55 22.97 -21.27 15.51
N TYR B 56 24.11 -20.64 15.83
CA TYR B 56 24.45 -20.40 17.23
C TYR B 56 23.72 -19.20 17.83
N SER B 57 23.27 -18.26 17.00
CA SER B 57 22.52 -17.10 17.44
C SER B 57 21.18 -17.08 16.73
N ILE B 58 20.12 -16.87 17.50
CA ILE B 58 18.78 -16.64 16.99
C ILE B 58 18.19 -15.49 17.79
N TYR B 59 17.61 -14.51 17.11
CA TYR B 59 16.90 -13.43 17.78
C TYR B 59 15.54 -13.24 17.13
N TYR B 60 14.61 -12.62 17.86
CA TYR B 60 13.22 -12.44 17.47
C TYR B 60 12.76 -11.02 17.78
N ALA B 61 11.94 -10.45 16.90
CA ALA B 61 11.30 -9.19 17.23
C ALA B 61 10.33 -9.39 18.39
N ASP B 62 10.05 -8.31 19.12
CA ASP B 62 9.15 -8.39 20.27
C ASP B 62 7.75 -8.85 19.85
N THR B 63 7.30 -8.46 18.66
CA THR B 63 5.97 -8.73 18.15
C THR B 63 5.72 -10.20 17.81
N VAL B 64 6.75 -11.03 17.76
CA VAL B 64 6.59 -12.42 17.35
C VAL B 64 7.11 -13.42 18.37
N THR B 65 8.00 -13.03 19.28
CA THR B 65 8.65 -14.03 20.11
C THR B 65 7.62 -14.80 20.95
N GLY B 66 7.93 -16.05 21.21
CA GLY B 66 6.98 -17.02 21.74
C GLY B 66 6.24 -17.81 20.66
N ARG B 67 5.80 -17.11 19.61
CA ARG B 67 4.90 -17.73 18.65
C ARG B 67 5.61 -18.27 17.42
N PHE B 68 6.68 -17.62 16.97
CA PHE B 68 7.38 -18.04 15.75
C PHE B 68 8.69 -18.72 16.12
N THR B 69 9.13 -19.65 15.27
CA THR B 69 10.42 -20.33 15.43
C THR B 69 11.14 -20.30 14.10
N ILE B 70 12.35 -19.75 14.09
CA ILE B 70 13.19 -19.68 12.90
C ILE B 70 14.20 -20.81 13.00
N SER B 71 14.54 -21.41 11.86
CA SER B 71 15.46 -22.54 11.79
C SER B 71 16.06 -22.55 10.39
N ARG B 72 17.11 -23.34 10.22
CA ARG B 72 17.72 -23.50 8.92
C ARG B 72 18.30 -24.91 8.81
N GLU B 73 18.50 -25.36 7.60
CA GLU B 73 19.18 -26.63 7.39
C GLU B 73 20.18 -26.35 6.28
N ASN B 74 21.45 -26.25 6.67
CA ASN B 74 22.45 -25.79 5.71
C ASN B 74 22.60 -26.75 4.54
N ALA B 75 22.41 -28.05 4.76
CA ALA B 75 22.61 -29.00 3.65
C ALA B 75 21.47 -28.98 2.65
N LYS B 76 20.31 -28.40 2.99
CA LYS B 76 19.22 -28.23 2.03
C LYS B 76 19.11 -26.80 1.50
N ASN B 77 20.03 -25.90 1.90
CA ASN B 77 20.03 -24.50 1.45
C ASN B 77 18.66 -23.86 1.67
N THR B 78 18.08 -24.11 2.83
CA THR B 78 16.70 -23.75 3.12
C THR B 78 16.62 -23.12 4.50
N LEU B 79 15.86 -22.03 4.59
CA LEU B 79 15.57 -21.35 5.84
C LEU B 79 14.08 -21.54 6.12
N TYR B 80 13.71 -21.57 7.41
CA TYR B 80 12.34 -21.87 7.81
C TYR B 80 11.83 -20.84 8.81
N LEU B 81 10.52 -20.66 8.79
CA LEU B 81 9.79 -19.91 9.80
C LEU B 81 8.50 -20.68 10.11
N GLU B 82 8.45 -21.29 11.27
CA GLU B 82 7.21 -21.83 11.80
C GLU B 82 6.50 -20.73 12.58
N MET B 83 5.23 -20.50 12.28
CA MET B 83 4.43 -19.46 12.91
C MET B 83 3.17 -20.08 13.54
N SER B 84 2.87 -19.75 14.78
CA SER B 84 1.66 -20.27 15.40
C SER B 84 0.91 -19.15 16.11
N SER B 85 -0.28 -19.46 16.62
CA SER B 85 -1.13 -18.48 17.31
C SER B 85 -1.22 -17.19 16.51
N LEU B 86 -1.50 -17.32 15.22
CA LEU B 86 -1.49 -16.18 14.31
C LEU B 86 -2.66 -15.25 14.58
N ARG B 87 -2.39 -13.96 14.51
CA ARG B 87 -3.42 -12.94 14.68
C ARG B 87 -3.48 -12.07 13.43
N SER B 88 -4.60 -11.36 13.27
CA SER B 88 -4.80 -10.58 12.06
C SER B 88 -3.68 -9.55 11.88
N GLU B 89 -3.09 -9.10 12.98
CA GLU B 89 -1.97 -8.18 12.86
C GLU B 89 -0.71 -8.84 12.31
N ASP B 90 -0.70 -10.17 12.12
CA ASP B 90 0.42 -10.84 11.48
C ASP B 90 0.29 -10.89 9.96
N THR B 91 -0.85 -10.46 9.43
CA THR B 91 -1.06 -10.40 7.98
C THR B 91 -0.04 -9.50 7.31
N ALA B 92 0.71 -10.05 6.35
CA ALA B 92 1.78 -9.29 5.73
C ALA B 92 2.37 -10.07 4.56
N MET B 93 3.12 -9.35 3.72
CA MET B 93 4.11 -10.02 2.90
C MET B 93 5.29 -10.39 3.79
N TYR B 94 5.73 -11.66 3.72
CA TYR B 94 6.89 -12.16 4.46
C TYR B 94 8.07 -12.37 3.53
N TYR B 95 9.17 -11.67 3.80
CA TYR B 95 10.38 -11.78 2.99
C TYR B 95 11.45 -12.56 3.74
N CYS B 96 12.14 -13.40 2.99
CA CYS B 96 13.43 -13.97 3.37
C CYS B 96 14.55 -13.02 2.94
N ALA B 97 15.55 -12.82 3.80
CA ALA B 97 16.61 -11.87 3.45
C ALA B 97 17.97 -12.34 3.94
N ARG B 98 18.97 -12.21 3.09
CA ARG B 98 20.33 -12.57 3.45
C ARG B 98 21.00 -11.42 4.16
N TYR B 99 21.71 -11.73 5.24
CA TYR B 99 22.59 -10.78 5.92
C TYR B 99 24.00 -10.94 5.39
N ASP B 100 24.63 -9.83 5.00
CA ASP B 100 26.04 -9.81 4.63
C ASP B 100 26.92 -9.58 5.87
N TYR B 101 28.19 -9.89 5.72
CA TYR B 101 29.17 -9.76 6.78
C TYR B 101 30.53 -9.56 6.12
N ASP B 102 31.41 -8.81 6.78
CA ASP B 102 32.81 -8.78 6.36
C ASP B 102 33.76 -9.34 7.41
N ASN B 103 33.33 -9.40 8.66
CA ASN B 103 34.20 -9.86 9.74
C ASN B 103 33.44 -10.69 10.77
N ILE B 104 33.06 -10.09 11.89
CA ILE B 104 32.33 -10.80 12.93
C ILE B 104 30.88 -10.34 13.07
N LEU B 105 30.42 -9.40 12.23
CA LEU B 105 29.11 -8.79 12.39
C LEU B 105 28.25 -9.00 11.13
N ASP B 106 27.02 -9.49 11.30
CA ASP B 106 26.04 -9.48 10.21
C ASP B 106 25.39 -8.09 10.18
N TYR B 107 25.70 -7.29 9.15
CA TYR B 107 25.46 -5.87 9.27
C TYR B 107 24.46 -5.29 8.30
N VAL B 108 24.04 -6.02 7.27
CA VAL B 108 23.11 -5.46 6.30
C VAL B 108 22.39 -6.59 5.60
N MET B 109 21.07 -6.44 5.46
CA MET B 109 20.26 -7.37 4.69
C MET B 109 20.38 -6.98 3.22
N ASP B 110 21.10 -7.77 2.44
CA ASP B 110 21.44 -7.28 1.10
C ASP B 110 20.61 -7.90 -0.02
N TYR B 111 20.21 -9.17 0.09
CA TYR B 111 19.36 -9.79 -0.91
C TYR B 111 18.09 -10.28 -0.25
N TRP B 112 16.96 -9.98 -0.89
CA TRP B 112 15.61 -10.28 -0.40
C TRP B 112 14.85 -11.02 -1.48
N GLY B 113 14.02 -11.96 -1.07
CA GLY B 113 13.14 -12.65 -2.00
C GLY B 113 11.95 -11.80 -2.35
N GLN B 114 11.12 -12.32 -3.26
CA GLN B 114 9.90 -11.63 -3.65
C GLN B 114 8.79 -11.72 -2.62
N GLY B 115 8.94 -12.56 -1.60
CA GLY B 115 7.97 -12.60 -0.52
C GLY B 115 6.89 -13.66 -0.72
N THR B 116 6.34 -14.13 0.39
CA THR B 116 5.20 -15.02 0.40
C THR B 116 4.13 -14.41 1.32
N SER B 117 2.89 -14.35 0.81
CA SER B 117 1.82 -13.59 1.46
C SER B 117 1.11 -14.44 2.50
N VAL B 118 0.94 -13.89 3.71
CA VAL B 118 0.18 -14.56 4.78
C VAL B 118 -0.96 -13.63 5.22
N THR B 119 -2.20 -14.13 5.08
CA THR B 119 -3.39 -13.41 5.52
C THR B 119 -4.03 -14.16 6.68
N VAL B 120 -4.33 -13.45 7.76
CA VAL B 120 -4.92 -14.06 8.95
C VAL B 120 -6.28 -13.38 9.15
N SER B 121 -7.35 -14.11 8.86
CA SER B 121 -8.70 -13.56 8.88
C SER B 121 -9.70 -14.67 9.11
N SER B 122 -10.82 -14.33 9.77
CA SER B 122 -11.93 -15.24 9.94
C SER B 122 -13.04 -15.02 8.90
N ALA B 123 -12.78 -14.22 7.87
CA ALA B 123 -13.80 -13.90 6.88
C ALA B 123 -14.14 -15.12 6.01
N LYS B 124 -15.43 -15.27 5.72
CA LYS B 124 -15.91 -16.27 4.79
C LYS B 124 -15.92 -15.69 3.40
N THR B 125 -15.85 -16.55 2.39
CA THR B 125 -15.86 -16.02 1.04
C THR B 125 -17.28 -15.55 0.69
N THR B 126 -17.38 -14.29 0.29
CA THR B 126 -18.61 -13.59 0.27
C THR B 126 -18.67 -12.81 -1.02
N PRO B 127 -19.74 -12.98 -1.80
CA PRO B 127 -19.86 -12.24 -3.06
C PRO B 127 -20.20 -10.79 -2.79
N PRO B 128 -19.78 -9.88 -3.65
CA PRO B 128 -20.03 -8.46 -3.39
C PRO B 128 -21.46 -8.05 -3.76
N SER B 129 -21.94 -6.99 -3.08
CA SER B 129 -23.12 -6.26 -3.51
C SER B 129 -22.67 -5.19 -4.49
N VAL B 130 -23.30 -5.14 -5.66
CA VAL B 130 -22.90 -4.22 -6.70
C VAL B 130 -23.95 -3.14 -6.80
N TYR B 131 -23.56 -1.89 -6.52
CA TYR B 131 -24.52 -0.81 -6.52
C TYR B 131 -24.23 0.20 -7.62
N PRO B 132 -25.23 0.54 -8.44
CA PRO B 132 -25.03 1.57 -9.47
C PRO B 132 -24.85 2.94 -8.85
N LEU B 133 -23.97 3.73 -9.46
CA LEU B 133 -23.74 5.12 -9.06
C LEU B 133 -24.05 5.97 -10.28
N ALA B 134 -25.22 6.57 -10.30
CA ALA B 134 -25.69 7.45 -11.35
C ALA B 134 -26.10 8.81 -10.78
N PRO B 135 -25.97 9.89 -11.55
CA PRO B 135 -26.35 11.21 -11.03
C PRO B 135 -27.86 11.28 -10.81
N GLY B 136 -28.25 11.50 -9.55
CA GLY B 136 -29.66 11.56 -9.18
C GLY B 136 -30.17 12.98 -9.04
N GLY B 142 -23.35 20.07 -17.99
CA GLY B 142 -22.05 19.44 -18.01
C GLY B 142 -21.79 18.68 -19.29
N SER B 143 -20.68 18.97 -19.96
CA SER B 143 -20.32 18.30 -21.20
C SER B 143 -20.08 16.81 -20.98
N SER B 144 -19.48 16.47 -19.84
CA SER B 144 -19.12 15.11 -19.51
C SER B 144 -19.88 14.64 -18.28
N VAL B 145 -20.12 13.33 -18.21
CA VAL B 145 -20.88 12.74 -17.12
C VAL B 145 -20.08 11.58 -16.52
N THR B 146 -20.01 11.55 -15.20
CA THR B 146 -19.26 10.56 -14.45
C THR B 146 -20.23 9.57 -13.80
N LEU B 147 -20.00 8.29 -14.03
CA LEU B 147 -20.80 7.21 -13.48
C LEU B 147 -19.93 6.32 -12.60
N GLY B 148 -20.57 5.41 -11.87
CA GLY B 148 -19.77 4.52 -11.04
C GLY B 148 -20.48 3.24 -10.66
N CYS B 149 -19.71 2.31 -10.14
CA CYS B 149 -20.28 1.17 -9.44
C CYS B 149 -19.56 0.98 -8.14
N LEU B 150 -20.34 0.77 -7.08
CA LEU B 150 -19.82 0.50 -5.75
C LEU B 150 -19.89 -1.00 -5.51
N VAL B 151 -18.77 -1.57 -5.09
CA VAL B 151 -18.62 -3.02 -5.00
C VAL B 151 -18.30 -3.32 -3.54
N LYS B 152 -19.30 -3.74 -2.78
CA LYS B 152 -19.25 -3.62 -1.34
C LYS B 152 -19.36 -4.98 -0.69
N GLY B 153 -18.52 -5.21 0.32
CA GLY B 153 -18.69 -6.31 1.23
C GLY B 153 -18.33 -7.67 0.67
N TYR B 154 -17.16 -7.79 0.03
CA TYR B 154 -16.72 -9.06 -0.51
C TYR B 154 -15.44 -9.50 0.18
N PHE B 155 -15.07 -10.77 -0.07
CA PHE B 155 -13.87 -11.43 0.42
C PHE B 155 -13.69 -12.75 -0.31
N PRO B 156 -12.47 -13.10 -0.76
CA PRO B 156 -11.25 -12.31 -0.67
C PRO B 156 -11.17 -11.27 -1.78
N GLU B 157 -9.96 -10.75 -2.02
CA GLU B 157 -9.79 -9.44 -2.63
C GLU B 157 -10.07 -9.40 -4.13
N SER B 158 -9.70 -10.44 -4.89
CA SER B 158 -9.83 -10.33 -6.33
C SER B 158 -11.26 -9.97 -6.78
N VAL B 159 -11.49 -8.74 -7.25
CA VAL B 159 -12.61 -8.45 -8.14
C VAL B 159 -12.07 -7.72 -9.35
N THR B 160 -12.87 -7.74 -10.42
CA THR B 160 -12.60 -6.99 -11.63
C THR B 160 -13.86 -6.29 -12.08
N VAL B 161 -13.75 -4.98 -12.38
CA VAL B 161 -14.84 -4.19 -12.92
C VAL B 161 -14.53 -3.89 -14.38
N THR B 162 -15.50 -4.19 -15.27
CA THR B 162 -15.37 -3.93 -16.70
C THR B 162 -16.56 -3.09 -17.15
N TRP B 163 -16.29 -2.07 -17.93
CA TRP B 163 -17.33 -1.19 -18.45
C TRP B 163 -17.53 -1.44 -19.93
N ASN B 164 -18.78 -1.64 -20.34
CA ASN B 164 -19.18 -1.85 -21.73
C ASN B 164 -18.23 -2.84 -22.41
N SER B 165 -18.13 -4.02 -21.80
CA SER B 165 -17.31 -5.12 -22.30
C SER B 165 -15.84 -4.74 -22.52
N GLY B 166 -15.35 -3.68 -21.84
CA GLY B 166 -13.98 -3.23 -21.94
C GLY B 166 -13.74 -2.11 -22.92
N SER B 167 -14.70 -1.81 -23.80
CA SER B 167 -14.56 -0.75 -24.79
C SER B 167 -14.36 0.62 -24.14
N LEU B 168 -15.06 0.89 -23.04
CA LEU B 168 -14.76 2.02 -22.19
C LEU B 168 -13.68 1.60 -21.21
N SER B 169 -12.53 2.29 -21.24
CA SER B 169 -11.39 1.87 -20.44
C SER B 169 -10.51 3.06 -20.07
N SER B 170 -10.22 3.94 -21.03
CA SER B 170 -9.31 5.05 -20.76
C SER B 170 -9.91 6.08 -19.79
N SER B 171 -11.23 6.13 -19.65
CA SER B 171 -11.88 7.08 -18.77
C SER B 171 -12.23 6.48 -17.41
N VAL B 172 -11.63 5.35 -17.07
CA VAL B 172 -12.00 4.58 -15.89
C VAL B 172 -11.02 4.85 -14.76
N HIS B 173 -11.53 4.93 -13.54
CA HIS B 173 -10.71 4.93 -12.35
C HIS B 173 -11.16 3.76 -11.50
N THR B 174 -10.22 2.91 -11.14
CA THR B 174 -10.47 1.79 -10.25
C THR B 174 -9.89 2.15 -8.90
N PHE B 175 -10.74 2.22 -7.89
CA PHE B 175 -10.17 2.64 -6.63
C PHE B 175 -9.82 1.43 -5.78
N PRO B 176 -8.69 1.51 -5.07
CA PRO B 176 -8.23 0.36 -4.29
C PRO B 176 -9.24 -0.02 -3.22
N ALA B 177 -9.37 -1.33 -3.01
CA ALA B 177 -10.26 -1.89 -2.01
C ALA B 177 -9.79 -1.51 -0.61
N LEU B 178 -10.74 -1.52 0.32
CA LEU B 178 -10.43 -1.25 1.72
C LEU B 178 -11.22 -2.18 2.64
N LEU B 179 -10.59 -2.63 3.72
CA LEU B 179 -11.26 -3.52 4.65
C LEU B 179 -12.17 -2.74 5.60
N GLN B 180 -13.43 -3.18 5.73
CA GLN B 180 -14.25 -2.67 6.81
C GLN B 180 -15.49 -3.54 7.02
N SER B 181 -15.86 -3.70 8.30
CA SER B 181 -16.77 -4.74 8.75
C SER B 181 -16.24 -6.12 8.38
N GLY B 182 -14.91 -6.27 8.33
CA GLY B 182 -14.28 -7.52 7.99
C GLY B 182 -14.18 -7.84 6.51
N LEU B 183 -14.82 -7.06 5.63
CA LEU B 183 -14.89 -7.35 4.21
C LEU B 183 -14.30 -6.21 3.38
N TYR B 184 -14.10 -6.48 2.09
CA TYR B 184 -13.54 -5.49 1.19
C TYR B 184 -14.63 -4.67 0.50
N THR B 185 -14.25 -3.46 0.12
CA THR B 185 -15.11 -2.55 -0.63
C THR B 185 -14.24 -1.70 -1.54
N MET B 186 -14.68 -1.56 -2.79
CA MET B 186 -14.02 -0.72 -3.78
C MET B 186 -15.08 -0.06 -4.65
N SER B 187 -14.63 0.79 -5.55
CA SER B 187 -15.53 1.44 -6.49
C SER B 187 -14.77 1.71 -7.77
N SER B 188 -15.51 1.89 -8.84
CA SER B 188 -14.95 2.21 -10.14
C SER B 188 -15.78 3.33 -10.75
N SER B 189 -15.10 4.29 -11.37
CA SER B 189 -15.79 5.40 -12.01
C SER B 189 -15.47 5.39 -13.50
N VAL B 190 -16.39 5.90 -14.30
CA VAL B 190 -16.18 6.08 -15.73
C VAL B 190 -16.77 7.43 -16.12
N THR B 191 -16.14 8.07 -17.10
CA THR B 191 -16.54 9.40 -17.53
C THR B 191 -16.77 9.37 -19.03
N VAL B 192 -17.99 9.65 -19.45
CA VAL B 192 -18.31 9.65 -20.87
C VAL B 192 -18.89 11.01 -21.22
N PRO B 193 -19.02 11.36 -22.51
CA PRO B 193 -19.72 12.59 -22.87
C PRO B 193 -21.22 12.49 -22.63
N SER B 194 -21.83 13.63 -22.27
CA SER B 194 -23.28 13.66 -22.08
C SER B 194 -24.02 13.21 -23.34
N SER B 195 -23.42 13.43 -24.51
CA SER B 195 -24.01 12.94 -25.75
C SER B 195 -24.19 11.42 -25.73
N THR B 196 -23.30 10.70 -25.04
CA THR B 196 -23.32 9.24 -25.10
C THR B 196 -24.20 8.62 -24.03
N TRP B 197 -24.32 9.24 -22.85
CA TRP B 197 -25.17 8.72 -21.81
C TRP B 197 -26.13 9.80 -21.33
N PRO B 198 -27.40 9.46 -21.04
CA PRO B 198 -27.97 8.11 -21.17
C PRO B 198 -28.52 7.80 -22.57
N SER B 199 -28.08 8.56 -23.58
CA SER B 199 -28.47 8.28 -24.96
C SER B 199 -28.16 6.84 -25.33
N GLN B 200 -26.95 6.41 -25.07
CA GLN B 200 -26.54 5.01 -25.24
C GLN B 200 -26.45 4.34 -23.87
N THR B 201 -26.25 3.03 -23.91
CA THR B 201 -26.20 2.23 -22.70
C THR B 201 -24.78 2.17 -22.12
N VAL B 202 -24.70 2.11 -20.78
CA VAL B 202 -23.43 2.02 -20.08
C VAL B 202 -23.60 1.03 -18.93
N THR B 203 -22.78 -0.03 -18.91
CA THR B 203 -22.94 -1.12 -17.97
C THR B 203 -21.61 -1.47 -17.31
N CYS B 204 -21.62 -1.65 -16.00
CA CYS B 204 -20.46 -2.19 -15.29
C CYS B 204 -20.65 -3.69 -15.04
N SER B 205 -19.62 -4.47 -15.39
CA SER B 205 -19.59 -5.92 -15.14
C SER B 205 -18.60 -6.18 -14.03
N VAL B 206 -19.04 -6.85 -12.98
CA VAL B 206 -18.24 -7.05 -11.77
C VAL B 206 -18.04 -8.56 -11.62
N ALA B 207 -16.80 -9.03 -11.79
CA ALA B 207 -16.45 -10.43 -11.62
C ALA B 207 -15.81 -10.62 -10.26
N HIS B 208 -16.32 -11.59 -9.48
CA HIS B 208 -15.69 -12.04 -8.24
C HIS B 208 -15.32 -13.51 -8.36
N PRO B 209 -14.10 -13.84 -8.79
CA PRO B 209 -13.79 -15.25 -9.13
C PRO B 209 -13.92 -16.20 -7.95
N ALA B 210 -13.45 -15.83 -6.75
CA ALA B 210 -13.51 -16.77 -5.64
C ALA B 210 -14.94 -17.17 -5.29
N SER B 211 -15.90 -16.25 -5.40
CA SER B 211 -17.31 -16.60 -5.16
C SER B 211 -18.04 -16.99 -6.44
N SER B 212 -17.36 -17.02 -7.58
CA SER B 212 -17.92 -17.41 -8.88
C SER B 212 -19.16 -16.60 -9.22
N THR B 213 -19.04 -15.28 -9.10
CA THR B 213 -20.14 -14.36 -9.37
C THR B 213 -19.74 -13.32 -10.39
N THR B 214 -20.66 -13.03 -11.30
CA THR B 214 -20.60 -11.88 -12.18
C THR B 214 -21.92 -11.14 -12.04
N VAL B 215 -21.86 -9.83 -11.86
CA VAL B 215 -23.05 -8.99 -11.80
C VAL B 215 -22.86 -7.87 -12.81
N ASP B 216 -23.79 -7.77 -13.75
CA ASP B 216 -23.81 -6.67 -14.69
C ASP B 216 -24.89 -5.71 -14.23
N LYS B 217 -24.53 -4.45 -14.03
CA LYS B 217 -25.44 -3.43 -13.52
C LYS B 217 -25.53 -2.31 -14.56
N LYS B 218 -26.74 -2.10 -15.08
CA LYS B 218 -26.98 -1.03 -16.03
C LYS B 218 -27.19 0.29 -15.29
N LEU B 219 -26.58 1.33 -15.82
CA LEU B 219 -26.62 2.66 -15.23
C LEU B 219 -27.81 3.39 -15.78
N GLU B 220 -28.80 3.61 -14.95
CA GLU B 220 -30.05 4.24 -15.34
C GLU B 220 -30.14 5.63 -14.76
N PRO B 221 -30.53 6.63 -15.56
CA PRO B 221 -30.71 7.98 -15.01
C PRO B 221 -31.84 8.00 -14.00
N SER B 222 -31.63 8.75 -12.91
CA SER B 222 -32.58 8.82 -11.81
C SER B 222 -33.64 9.89 -12.06
N PHE C 2 24.05 -8.48 14.40
CA PHE C 2 24.14 -9.82 14.99
C PHE C 2 25.54 -10.45 14.84
N ARG C 3 25.82 -11.42 15.71
CA ARG C 3 27.13 -12.05 15.71
C ARG C 3 27.19 -13.17 14.67
N HIS C 4 28.22 -13.12 13.84
CA HIS C 4 28.51 -14.12 12.83
C HIS C 4 29.15 -15.35 13.46
N ASP C 5 28.92 -16.50 12.85
CA ASP C 5 29.55 -17.75 13.28
C ASP C 5 30.78 -17.97 12.39
N SER C 6 31.96 -17.73 12.93
CA SER C 6 33.18 -18.07 12.22
C SER C 6 33.53 -19.55 12.43
#